data_1QJE
#
_entry.id   1QJE
#
_cell.length_a   46.670
_cell.length_b   71.910
_cell.length_c   101.730
_cell.angle_alpha   90.00
_cell.angle_beta   90.00
_cell.angle_gamma   90.00
#
_symmetry.space_group_name_H-M   'P 21 21 21'
#
loop_
_entity.id
_entity.type
_entity.pdbx_description
1 polymer 'ISOPENICILLIN N SYNTHASE'
2 non-polymer 'SULFATE ION'
3 non-polymer 'ISOPENICILLIN N'
4 non-polymer L-D-(A-AMINOADIPOYL)-L-CYSTEINYL-D-VALINE
5 non-polymer 'FE (II) ION'
6 water water
#
_entity_poly.entity_id   1
_entity_poly.type   'polypeptide(L)'
_entity_poly.pdbx_seq_one_letter_code
;MGSVSKANVPKIDVSPLFGDDQAAKMRVAQQIDAASRDTGFFYAVNHGINVQRLSQKTKEFHMSITPEEKWDLAIRAYNK
EHQDQVRAGYYLSIPGKKAVESFCYLNPNFTPDHPRIQAKTPTHEVNVWPDETKHPGFQDFAEQYYWDVFGLSSALLKGY
ALALGKEENFFARHFKPDDTLASVVLIRYPYLDPYPEAAIKTAADGTKLSFEWHEDVSLITVLYQSNVQNLQVETAAGYQ
DIEADDTGYLINCGSYMAHLTNNYYKAPIHRVKWVNAERQSLPFFVNLGYDSVIDPFDPREPNGKSDREPLSYGDYLQNG
LVSLINKNGQT
;
_entity_poly.pdbx_strand_id   A
#
loop_
_chem_comp.id
_chem_comp.type
_chem_comp.name
_chem_comp.formula
ACV non-polymer L-D-(A-AMINOADIPOYL)-L-CYSTEINYL-D-VALINE 'C14 H25 N3 O6 S'
FE2 non-polymer 'FE (II) ION' 'Fe 2'
IP1 non-polymer 'ISOPENICILLIN N' 'C14 H21 N3 O6 S'
SO4 non-polymer 'SULFATE ION' 'O4 S -2'
#
# COMPACT_ATOMS: atom_id res chain seq x y z
N SER A 5 -23.50 3.80 -6.86
CA SER A 5 -23.25 5.26 -6.47
C SER A 5 -21.76 5.54 -6.32
N LYS A 6 -21.27 6.70 -6.71
CA LYS A 6 -19.84 7.08 -6.76
C LYS A 6 -19.45 7.59 -5.41
N ALA A 7 -18.35 7.09 -4.90
CA ALA A 7 -17.83 7.59 -3.66
C ALA A 7 -17.21 8.98 -3.86
N ASN A 8 -17.35 9.80 -2.86
CA ASN A 8 -16.66 11.06 -2.79
C ASN A 8 -15.18 10.86 -2.53
N VAL A 9 -14.41 11.07 -3.60
CA VAL A 9 -12.95 10.95 -3.51
C VAL A 9 -12.34 12.24 -4.09
N PRO A 10 -12.09 13.19 -3.22
CA PRO A 10 -11.57 14.46 -3.72
C PRO A 10 -10.13 14.38 -4.23
N LYS A 11 -9.83 15.23 -5.19
CA LYS A 11 -8.50 15.43 -5.70
C LYS A 11 -7.87 16.59 -4.90
N ILE A 12 -6.79 16.28 -4.20
CA ILE A 12 -6.07 17.21 -3.38
C ILE A 12 -4.69 17.46 -3.97
N ASP A 13 -4.47 18.76 -4.26
CA ASP A 13 -3.14 19.20 -4.71
C ASP A 13 -2.25 19.19 -3.48
N VAL A 14 -1.36 18.18 -3.48
CA VAL A 14 -0.44 18.03 -2.30
C VAL A 14 0.85 18.73 -2.47
N SER A 15 1.08 19.46 -3.56
CA SER A 15 2.39 20.09 -3.75
C SER A 15 2.81 21.02 -2.64
N PRO A 16 1.92 21.73 -1.93
CA PRO A 16 2.46 22.56 -0.87
C PRO A 16 3.16 21.74 0.20
N LEU A 17 2.90 20.47 0.34
CA LEU A 17 3.51 19.68 1.43
C LEU A 17 4.97 19.45 1.19
N PHE A 18 5.42 19.79 -0.01
CA PHE A 18 6.89 19.67 -0.30
C PHE A 18 7.64 20.94 -0.01
N GLY A 19 6.90 22.00 0.33
CA GLY A 19 7.49 23.31 0.46
C GLY A 19 7.46 23.89 1.87
N ASP A 20 7.58 25.18 1.98
CA ASP A 20 7.68 25.97 3.18
C ASP A 20 6.53 26.96 3.36
N ASP A 21 5.48 26.83 2.63
CA ASP A 21 4.38 27.76 2.89
C ASP A 21 3.50 27.13 3.95
N GLN A 22 3.64 27.53 5.22
CA GLN A 22 2.94 26.80 6.27
C GLN A 22 1.42 26.91 6.23
N ALA A 23 0.93 28.12 5.90
CA ALA A 23 -0.51 28.29 5.79
C ALA A 23 -1.06 27.43 4.66
N ALA A 24 -0.30 27.38 3.56
CA ALA A 24 -0.79 26.58 2.44
C ALA A 24 -0.81 25.09 2.84
N LYS A 25 0.13 24.69 3.66
CA LYS A 25 0.21 23.34 4.16
C LYS A 25 -1.01 23.05 5.05
N MET A 26 -1.37 24.00 5.86
CA MET A 26 -2.56 23.81 6.69
C MET A 26 -3.81 23.68 5.84
N ARG A 27 -3.90 24.42 4.72
CA ARG A 27 -5.08 24.25 3.90
C ARG A 27 -5.14 22.86 3.24
N VAL A 28 -4.00 22.31 2.91
CA VAL A 28 -3.97 20.93 2.42
C VAL A 28 -4.36 19.98 3.55
N ALA A 29 -3.81 20.21 4.73
CA ALA A 29 -4.15 19.37 5.87
C ALA A 29 -5.67 19.35 6.09
N GLN A 30 -6.31 20.51 5.93
CA GLN A 30 -7.76 20.49 6.15
C GLN A 30 -8.35 19.55 5.13
N GLN A 31 -7.98 19.58 3.90
CA GLN A 31 -8.60 18.71 2.90
C GLN A 31 -8.37 17.25 3.24
N ILE A 32 -7.20 16.91 3.74
CA ILE A 32 -6.88 15.56 4.15
C ILE A 32 -7.81 15.21 5.32
N ASP A 33 -7.97 16.07 6.26
CA ASP A 33 -8.81 15.83 7.41
C ASP A 33 -10.24 15.51 6.93
N ALA A 34 -10.78 16.35 6.03
CA ALA A 34 -12.13 16.17 5.56
C ALA A 34 -12.31 14.84 4.84
N ALA A 35 -11.36 14.47 3.98
CA ALA A 35 -11.48 13.28 3.26
C ALA A 35 -11.39 12.08 4.18
N SER A 36 -10.49 12.20 5.17
CA SER A 36 -10.25 11.13 6.16
C SER A 36 -11.48 10.92 7.00
N ARG A 37 -12.25 11.96 7.23
CA ARG A 37 -13.48 11.82 8.04
C ARG A 37 -14.75 11.43 7.29
N ASP A 38 -14.59 11.49 5.95
CA ASP A 38 -15.69 11.18 5.07
C ASP A 38 -15.51 9.74 4.57
N THR A 39 -15.21 9.48 3.28
CA THR A 39 -15.08 8.13 2.80
C THR A 39 -13.72 7.50 3.18
N GLY A 40 -12.76 8.38 3.49
CA GLY A 40 -11.47 7.87 3.85
C GLY A 40 -10.57 7.77 2.66
N PHE A 41 -10.87 8.18 1.48
CA PHE A 41 -10.05 8.16 0.31
C PHE A 41 -9.99 9.58 -0.27
N PHE A 42 -8.76 9.81 -0.85
CA PHE A 42 -8.58 10.98 -1.67
C PHE A 42 -7.54 10.66 -2.74
N TYR A 43 -7.56 11.41 -3.83
CA TYR A 43 -6.49 11.36 -4.80
C TYR A 43 -5.48 12.49 -4.52
N ALA A 44 -4.21 12.12 -4.39
CA ALA A 44 -3.14 13.09 -4.32
C ALA A 44 -2.76 13.47 -5.77
N VAL A 45 -2.84 14.76 -6.12
CA VAL A 45 -2.49 15.20 -7.42
C VAL A 45 -1.34 16.23 -7.21
N ASN A 46 -0.64 16.51 -8.33
CA ASN A 46 0.53 17.36 -8.34
C ASN A 46 1.55 16.80 -7.34
N HIS A 47 1.69 15.48 -7.44
CA HIS A 47 2.62 14.72 -6.56
C HIS A 47 4.05 14.60 -7.04
N GLY A 48 4.34 14.96 -8.29
CA GLY A 48 5.67 14.97 -8.80
C GLY A 48 6.21 13.69 -9.28
N ILE A 49 5.51 12.58 -9.20
CA ILE A 49 6.06 11.32 -9.65
C ILE A 49 5.61 11.03 -11.06
N ASN A 50 6.54 10.47 -11.83
CA ASN A 50 6.26 10.06 -13.21
C ASN A 50 5.60 8.69 -13.22
N VAL A 51 4.29 8.70 -13.14
CA VAL A 51 3.53 7.47 -13.04
C VAL A 51 3.41 6.78 -14.39
N GLN A 52 3.43 7.50 -15.51
CA GLN A 52 3.38 6.81 -16.76
C GLN A 52 4.62 5.96 -16.87
N ARG A 53 5.78 6.45 -16.48
CA ARG A 53 7.00 5.66 -16.64
C ARG A 53 6.97 4.50 -15.67
N LEU A 54 6.51 4.69 -14.47
CA LEU A 54 6.28 3.60 -13.54
C LEU A 54 5.44 2.50 -14.20
N SER A 55 4.32 2.88 -14.80
CA SER A 55 3.49 1.91 -15.46
C SER A 55 4.16 1.18 -16.60
N GLN A 56 4.90 1.95 -17.39
CA GLN A 56 5.57 1.28 -18.48
C GLN A 56 6.66 0.34 -18.06
N LYS A 57 7.47 0.74 -17.10
CA LYS A 57 8.51 -0.19 -16.64
C LYS A 57 7.96 -1.40 -15.96
N THR A 58 6.85 -1.22 -15.25
CA THR A 58 6.17 -2.37 -14.57
C THR A 58 5.60 -3.34 -15.61
N LYS A 59 4.97 -2.78 -16.64
CA LYS A 59 4.44 -3.59 -17.77
C LYS A 59 5.53 -4.36 -18.43
N GLU A 60 6.66 -3.69 -18.71
CA GLU A 60 7.77 -4.42 -19.31
C GLU A 60 8.23 -5.60 -18.50
N PHE A 61 8.31 -5.44 -17.20
CA PHE A 61 8.63 -6.52 -16.27
C PHE A 61 7.55 -7.63 -16.28
N HIS A 62 6.30 -7.26 -16.02
CA HIS A 62 5.29 -8.30 -15.90
C HIS A 62 5.12 -9.14 -17.16
N MET A 63 5.28 -8.48 -18.31
CA MET A 63 5.02 -9.19 -19.55
C MET A 63 6.21 -9.99 -20.04
N SER A 64 7.41 -9.70 -19.50
CA SER A 64 8.55 -10.46 -19.97
C SER A 64 9.04 -11.49 -18.96
N ILE A 65 8.69 -11.40 -17.70
CA ILE A 65 9.19 -12.45 -16.83
C ILE A 65 8.60 -13.78 -17.17
N THR A 66 9.36 -14.84 -17.04
CA THR A 66 9.01 -16.19 -17.43
C THR A 66 8.69 -17.12 -16.25
N PRO A 67 8.03 -18.22 -16.53
CA PRO A 67 7.73 -19.16 -15.42
C PRO A 67 8.97 -19.57 -14.66
N GLU A 68 10.08 -19.77 -15.36
CA GLU A 68 11.27 -20.20 -14.60
C GLU A 68 11.72 -19.19 -13.55
N GLU A 69 11.70 -17.91 -13.97
CA GLU A 69 12.08 -16.75 -13.20
C GLU A 69 11.17 -16.58 -11.98
N LYS A 70 9.90 -16.83 -12.22
CA LYS A 70 8.88 -16.73 -11.17
C LYS A 70 9.15 -17.75 -10.04
N TRP A 71 9.44 -18.99 -10.39
CA TRP A 71 9.85 -19.98 -9.39
C TRP A 71 11.12 -19.53 -8.64
N ASP A 72 12.05 -19.04 -9.43
CA ASP A 72 13.34 -18.64 -8.86
C ASP A 72 13.22 -17.46 -7.89
N LEU A 73 12.20 -16.63 -8.05
CA LEU A 73 11.95 -15.46 -7.19
C LEU A 73 10.85 -15.72 -6.19
N ALA A 74 10.24 -16.90 -6.18
CA ALA A 74 9.03 -17.09 -5.45
C ALA A 74 9.11 -17.02 -3.93
N ILE A 75 8.09 -16.41 -3.29
CA ILE A 75 8.02 -16.45 -1.83
C ILE A 75 7.79 -17.91 -1.40
N ARG A 76 7.97 -18.12 -0.10
CA ARG A 76 7.89 -19.46 0.47
C ARG A 76 6.50 -20.06 0.30
N ALA A 77 5.40 -19.33 0.17
CA ALA A 77 4.10 -19.90 -0.06
C ALA A 77 4.05 -20.70 -1.36
N TYR A 78 4.88 -20.38 -2.33
CA TYR A 78 4.91 -21.06 -3.58
C TYR A 78 6.12 -21.90 -3.77
N ASN A 79 7.22 -21.72 -3.05
CA ASN A 79 8.48 -22.42 -3.18
C ASN A 79 9.10 -22.69 -1.80
N LYS A 80 9.04 -23.94 -1.39
CA LYS A 80 9.47 -24.35 -0.07
C LYS A 80 10.96 -24.12 0.17
N GLU A 81 11.75 -23.97 -0.94
CA GLU A 81 13.18 -23.75 -0.80
C GLU A 81 13.44 -22.37 -0.30
N HIS A 82 12.52 -21.43 -0.39
CA HIS A 82 12.84 -20.07 -0.04
C HIS A 82 12.29 -19.65 1.30
N GLN A 83 12.73 -20.32 2.34
CA GLN A 83 12.12 -20.12 3.62
C GLN A 83 12.27 -18.72 4.19
N ASP A 84 13.25 -17.98 3.72
CA ASP A 84 13.39 -16.62 4.19
C ASP A 84 12.51 -15.59 3.50
N GLN A 85 11.85 -15.98 2.43
CA GLN A 85 11.01 -15.08 1.67
C GLN A 85 9.57 -15.21 2.14
N VAL A 86 9.18 -14.39 3.11
CA VAL A 86 7.81 -14.39 3.50
C VAL A 86 7.11 -13.26 2.80
N ARG A 87 7.74 -12.09 2.71
CA ARG A 87 7.18 -10.88 2.11
C ARG A 87 7.68 -10.60 0.72
N ALA A 88 8.97 -10.62 0.51
CA ALA A 88 9.62 -10.16 -0.71
C ALA A 88 9.80 -11.26 -1.72
N GLY A 89 9.41 -10.96 -2.94
CA GLY A 89 9.57 -11.92 -4.08
C GLY A 89 8.32 -12.00 -4.92
N TYR A 90 8.22 -13.09 -5.68
CA TYR A 90 7.17 -13.28 -6.64
C TYR A 90 6.07 -14.10 -6.00
N TYR A 91 4.81 -13.67 -6.26
CA TYR A 91 3.54 -14.28 -5.83
C TYR A 91 2.87 -14.76 -7.11
N LEU A 92 2.93 -16.06 -7.31
CA LEU A 92 2.52 -16.60 -8.59
C LEU A 92 1.03 -16.70 -8.81
N SER A 93 0.59 -16.63 -10.04
CA SER A 93 -0.78 -16.96 -10.43
C SER A 93 -0.87 -18.46 -10.45
N ILE A 94 -2.14 -18.90 -10.52
CA ILE A 94 -2.37 -20.35 -10.65
C ILE A 94 -3.39 -20.46 -11.79
N PRO A 95 -2.99 -20.63 -13.03
CA PRO A 95 -3.93 -20.62 -14.14
C PRO A 95 -5.04 -21.63 -13.85
N GLY A 96 -6.26 -21.12 -14.06
CA GLY A 96 -7.48 -21.85 -13.83
C GLY A 96 -8.09 -21.71 -12.47
N LYS A 97 -7.29 -21.05 -11.62
CA LYS A 97 -7.66 -20.88 -10.22
C LYS A 97 -7.46 -19.53 -9.60
N LYS A 98 -6.33 -18.88 -9.82
CA LYS A 98 -5.97 -17.59 -9.23
C LYS A 98 -5.37 -16.76 -10.35
N ALA A 99 -5.97 -15.65 -10.62
CA ALA A 99 -5.57 -14.83 -11.73
C ALA A 99 -4.44 -13.86 -11.41
N VAL A 100 -4.55 -13.24 -10.25
CA VAL A 100 -3.57 -12.22 -9.89
C VAL A 100 -2.21 -12.83 -9.62
N GLU A 101 -1.18 -12.07 -9.92
CA GLU A 101 0.20 -12.33 -9.61
C GLU A 101 0.88 -10.99 -9.28
N SER A 102 2.00 -11.10 -8.55
CA SER A 102 2.61 -9.85 -8.12
C SER A 102 4.06 -10.09 -7.68
N PHE A 103 4.74 -8.95 -7.54
CA PHE A 103 6.13 -8.90 -7.09
C PHE A 103 6.25 -7.86 -6.00
N CYS A 104 6.73 -8.27 -4.86
CA CYS A 104 6.87 -7.38 -3.73
C CYS A 104 8.35 -7.15 -3.40
N TYR A 105 8.69 -5.92 -3.07
CA TYR A 105 10.01 -5.65 -2.59
C TYR A 105 9.90 -4.64 -1.44
N LEU A 106 10.89 -4.65 -0.58
CA LEU A 106 11.05 -3.91 0.64
C LEU A 106 12.12 -2.84 0.47
N ASN A 107 12.42 -2.19 1.64
CA ASN A 107 13.47 -1.20 1.71
C ASN A 107 14.78 -1.68 1.06
N PRO A 108 15.27 -0.99 0.05
CA PRO A 108 16.55 -1.38 -0.54
C PRO A 108 17.73 -1.35 0.44
N ASN A 109 17.57 -0.60 1.56
CA ASN A 109 18.64 -0.58 2.56
C ASN A 109 18.65 -1.83 3.39
N PHE A 110 17.71 -2.76 3.25
CA PHE A 110 17.79 -4.04 3.98
C PHE A 110 18.71 -4.94 3.15
N THR A 111 19.99 -4.74 3.44
CA THR A 111 21.11 -5.47 2.87
C THR A 111 21.57 -6.56 3.86
N PRO A 112 22.39 -7.51 3.34
CA PRO A 112 22.81 -8.56 4.26
C PRO A 112 23.53 -8.03 5.46
N ASP A 113 24.14 -6.91 5.47
CA ASP A 113 24.85 -6.35 6.62
C ASP A 113 23.94 -5.46 7.46
N HIS A 114 22.66 -5.25 7.15
CA HIS A 114 21.77 -4.41 7.94
C HIS A 114 21.56 -5.04 9.32
N PRO A 115 21.59 -4.28 10.41
CA PRO A 115 21.49 -4.94 11.69
C PRO A 115 20.21 -5.72 11.89
N ARG A 116 19.12 -5.33 11.31
CA ARG A 116 17.91 -6.13 11.49
C ARG A 116 17.92 -7.41 10.64
N ILE A 117 18.60 -7.38 9.51
CA ILE A 117 18.80 -8.59 8.74
C ILE A 117 19.75 -9.53 9.51
N GLN A 118 20.83 -9.01 10.02
CA GLN A 118 21.74 -9.84 10.79
C GLN A 118 20.99 -10.49 11.98
N ALA A 119 20.13 -9.76 12.61
CA ALA A 119 19.38 -10.28 13.77
C ALA A 119 18.26 -11.20 13.38
N LYS A 120 17.93 -11.27 12.11
CA LYS A 120 16.81 -12.07 11.58
C LYS A 120 15.51 -11.59 12.19
N THR A 121 15.36 -10.29 12.32
CA THR A 121 14.15 -9.74 12.86
C THR A 121 12.98 -9.96 11.95
N PRO A 122 11.87 -10.43 12.46
CA PRO A 122 10.68 -10.62 11.62
C PRO A 122 10.32 -9.39 10.83
N THR A 123 9.80 -9.63 9.63
CA THR A 123 9.32 -8.67 8.65
C THR A 123 10.42 -7.95 7.89
N HIS A 124 11.66 -8.18 8.26
CA HIS A 124 12.80 -7.68 7.50
C HIS A 124 13.37 -8.75 6.61
N GLU A 125 13.57 -8.46 5.31
CA GLU A 125 14.17 -9.40 4.37
C GLU A 125 15.01 -8.63 3.36
N VAL A 126 15.96 -9.35 2.77
CA VAL A 126 16.71 -8.80 1.69
C VAL A 126 15.94 -9.06 0.41
N ASN A 127 15.71 -8.01 -0.40
CA ASN A 127 15.03 -8.18 -1.65
C ASN A 127 15.70 -9.15 -2.58
N VAL A 128 14.85 -9.79 -3.39
CA VAL A 128 15.27 -10.67 -4.49
C VAL A 128 14.91 -10.00 -5.80
N TRP A 129 15.79 -10.14 -6.80
CA TRP A 129 15.65 -9.51 -8.07
C TRP A 129 15.89 -10.47 -9.23
N PRO A 130 15.22 -10.24 -10.38
CA PRO A 130 15.54 -11.13 -11.50
C PRO A 130 16.88 -10.78 -12.05
N ASP A 131 17.31 -11.60 -12.98
CA ASP A 131 18.56 -11.34 -13.65
C ASP A 131 18.63 -10.06 -14.42
N GLU A 132 19.71 -9.33 -14.17
CA GLU A 132 19.80 -8.03 -14.83
C GLU A 132 19.79 -8.08 -16.34
N THR A 133 20.44 -9.14 -16.85
CA THR A 133 20.50 -9.22 -18.30
C THR A 133 19.15 -9.51 -18.93
N LYS A 134 18.27 -10.18 -18.18
CA LYS A 134 16.92 -10.50 -18.66
C LYS A 134 16.00 -9.32 -18.43
N HIS A 135 16.33 -8.51 -17.42
CA HIS A 135 15.45 -7.33 -17.15
C HIS A 135 16.30 -6.08 -16.93
N PRO A 136 16.95 -5.65 -18.00
CA PRO A 136 17.89 -4.55 -17.83
C PRO A 136 17.28 -3.29 -17.25
N GLY A 137 17.89 -2.70 -16.26
CA GLY A 137 17.41 -1.48 -15.65
C GLY A 137 16.28 -1.65 -14.65
N PHE A 138 15.67 -2.82 -14.57
CA PHE A 138 14.51 -2.98 -13.73
C PHE A 138 14.79 -2.75 -12.24
N GLN A 139 15.82 -3.42 -11.71
CA GLN A 139 16.14 -3.31 -10.25
C GLN A 139 16.39 -1.86 -9.93
N ASP A 140 17.23 -1.19 -10.76
CA ASP A 140 17.55 0.22 -10.53
C ASP A 140 16.33 1.09 -10.60
N PHE A 141 15.46 0.89 -11.59
CA PHE A 141 14.27 1.64 -11.70
C PHE A 141 13.43 1.40 -10.40
N ALA A 142 13.22 0.16 -10.00
CA ALA A 142 12.33 -0.17 -8.88
C ALA A 142 12.84 0.40 -7.59
N GLU A 143 14.17 0.36 -7.39
CA GLU A 143 14.76 0.93 -6.17
C GLU A 143 14.56 2.45 -6.17
N GLN A 144 14.78 3.14 -7.33
CA GLN A 144 14.55 4.55 -7.32
C GLN A 144 13.08 4.88 -7.11
N TYR A 145 12.18 4.03 -7.63
CA TYR A 145 10.76 4.27 -7.44
C TYR A 145 10.44 4.21 -5.95
N TYR A 146 11.07 3.26 -5.27
CA TYR A 146 10.86 3.14 -3.80
C TYR A 146 11.13 4.52 -3.13
N TRP A 147 12.29 5.10 -3.51
CA TRP A 147 12.64 6.38 -2.88
C TRP A 147 11.76 7.52 -3.40
N ASP A 148 11.29 7.52 -4.64
CA ASP A 148 10.37 8.56 -5.11
C ASP A 148 9.06 8.47 -4.33
N VAL A 149 8.49 7.31 -4.17
CA VAL A 149 7.20 7.21 -3.45
C VAL A 149 7.43 7.36 -1.93
N PHE A 150 8.59 7.02 -1.40
CA PHE A 150 8.92 7.30 -0.05
C PHE A 150 8.78 8.81 0.14
N GLY A 151 9.40 9.56 -0.75
CA GLY A 151 9.33 11.05 -0.63
C GLY A 151 7.98 11.62 -0.67
N LEU A 152 7.16 11.15 -1.57
CA LEU A 152 5.79 11.55 -1.61
C LEU A 152 5.08 11.20 -0.27
N SER A 153 5.35 9.98 0.22
CA SER A 153 4.70 9.51 1.44
C SER A 153 5.10 10.35 2.64
N SER A 154 6.34 10.75 2.70
CA SER A 154 6.83 11.63 3.78
C SER A 154 6.07 12.93 3.77
N ALA A 155 5.87 13.50 2.56
CA ALA A 155 5.09 14.75 2.44
C ALA A 155 3.66 14.50 2.89
N LEU A 156 3.02 13.43 2.45
CA LEU A 156 1.67 13.12 2.86
C LEU A 156 1.55 12.96 4.37
N LEU A 157 2.55 12.32 4.99
CA LEU A 157 2.56 12.17 6.45
C LEU A 157 2.66 13.55 7.14
N LYS A 158 3.31 14.50 6.55
CA LYS A 158 3.30 15.86 7.13
C LYS A 158 1.89 16.41 7.13
N GLY A 159 1.16 16.17 6.04
CA GLY A 159 -0.22 16.58 5.91
C GLY A 159 -1.12 15.92 6.94
N TYR A 160 -0.97 14.63 7.11
CA TYR A 160 -1.78 13.94 8.12
C TYR A 160 -1.55 14.42 9.55
N ALA A 161 -0.24 14.64 9.82
CA ALA A 161 0.10 15.14 11.12
C ALA A 161 -0.56 16.50 11.43
N LEU A 162 -0.37 17.42 10.47
CA LEU A 162 -1.00 18.73 10.63
C LEU A 162 -2.50 18.62 10.77
N ALA A 163 -3.05 17.72 9.97
CA ALA A 163 -4.52 17.52 10.03
C ALA A 163 -5.01 17.10 11.41
N LEU A 164 -4.18 16.36 12.11
CA LEU A 164 -4.55 15.84 13.42
C LEU A 164 -4.15 16.79 14.53
N GLY A 165 -3.69 17.97 14.24
CA GLY A 165 -3.35 18.96 15.29
C GLY A 165 -1.93 18.76 15.79
N LYS A 166 -1.09 18.00 15.10
CA LYS A 166 0.28 17.71 15.56
C LYS A 166 1.30 18.55 14.81
N GLU A 167 2.54 18.57 15.19
CA GLU A 167 3.62 19.20 14.40
C GLU A 167 3.87 18.29 13.19
N GLU A 168 4.40 18.82 12.12
CA GLU A 168 4.43 18.08 10.88
C GLU A 168 5.33 16.84 10.90
N ASN A 169 6.27 16.74 11.82
CA ASN A 169 7.02 15.51 11.77
C ASN A 169 6.55 14.41 12.68
N PHE A 170 5.32 14.60 13.12
CA PHE A 170 4.75 13.63 14.11
C PHE A 170 4.86 12.17 13.66
N PHE A 171 4.48 11.93 12.42
CA PHE A 171 4.58 10.58 11.85
C PHE A 171 5.92 10.37 11.17
N ALA A 172 6.30 11.40 10.37
CA ALA A 172 7.46 11.30 9.52
C ALA A 172 8.77 11.03 10.24
N ARG A 173 8.88 11.42 11.50
CA ARG A 173 10.13 11.16 12.26
C ARG A 173 10.28 9.66 12.49
N HIS A 174 9.22 8.90 12.34
CA HIS A 174 9.31 7.43 12.46
C HIS A 174 9.41 6.73 11.14
N PHE A 175 9.46 7.51 10.06
CA PHE A 175 9.47 7.00 8.67
C PHE A 175 10.82 7.32 8.10
N LYS A 176 11.81 6.44 8.17
CA LYS A 176 13.15 6.77 7.88
C LYS A 176 13.76 5.81 6.87
N PRO A 177 14.61 6.31 5.96
CA PRO A 177 15.20 5.41 4.97
C PRO A 177 15.93 4.22 5.54
N ASP A 178 16.58 4.38 6.70
CA ASP A 178 17.38 3.23 7.12
C ASP A 178 16.57 2.11 7.70
N ASP A 179 15.31 2.34 8.07
CA ASP A 179 14.63 1.28 8.75
C ASP A 179 13.16 1.10 8.36
N THR A 180 12.62 1.88 7.45
CA THR A 180 11.19 1.68 7.19
C THR A 180 10.90 0.28 6.67
N LEU A 181 9.76 -0.27 7.16
CA LEU A 181 9.16 -1.52 6.76
C LEU A 181 8.24 -1.36 5.58
N ALA A 182 8.23 -0.20 4.93
CA ALA A 182 7.37 -0.01 3.79
C ALA A 182 7.67 -0.99 2.63
N SER A 183 6.60 -1.33 1.93
CA SER A 183 6.75 -2.22 0.78
C SER A 183 6.08 -1.65 -0.47
N VAL A 184 6.62 -2.01 -1.64
CA VAL A 184 6.06 -1.81 -2.94
C VAL A 184 5.55 -3.18 -3.40
N VAL A 185 4.34 -3.20 -3.93
CA VAL A 185 3.82 -4.42 -4.57
C VAL A 185 3.44 -4.02 -6.00
N LEU A 186 3.98 -4.77 -7.00
CA LEU A 186 3.68 -4.57 -8.40
C LEU A 186 2.68 -5.71 -8.78
N ILE A 187 1.39 -5.37 -8.75
CA ILE A 187 0.37 -6.41 -8.99
C ILE A 187 -0.12 -6.35 -10.42
N ARG A 188 -0.14 -7.50 -11.04
CA ARG A 188 -0.70 -7.72 -12.35
C ARG A 188 -2.09 -8.41 -12.22
N TYR A 189 -3.09 -7.72 -12.75
CA TYR A 189 -4.42 -8.29 -12.90
C TYR A 189 -4.59 -8.53 -14.38
N PRO A 190 -4.66 -9.81 -14.78
CA PRO A 190 -4.71 -10.06 -16.20
C PRO A 190 -6.05 -10.07 -16.88
N TYR A 191 -5.98 -9.89 -18.18
CA TYR A 191 -7.12 -10.20 -19.02
C TYR A 191 -7.04 -11.71 -19.28
N LEU A 192 -8.14 -12.43 -19.11
CA LEU A 192 -8.21 -13.85 -19.40
C LEU A 192 -9.50 -14.21 -20.11
N ASP A 193 -9.42 -15.05 -21.12
CA ASP A 193 -10.54 -15.55 -21.89
C ASP A 193 -10.36 -17.02 -22.15
N PRO A 194 -11.03 -17.89 -21.47
CA PRO A 194 -12.04 -17.62 -20.46
C PRO A 194 -11.47 -17.23 -19.12
N TYR A 195 -12.21 -16.48 -18.35
CA TYR A 195 -11.71 -16.09 -17.01
C TYR A 195 -12.11 -17.20 -16.04
N PRO A 196 -11.22 -17.78 -15.26
CA PRO A 196 -11.68 -18.87 -14.40
C PRO A 196 -12.56 -18.40 -13.24
N GLU A 197 -13.70 -19.06 -13.10
CA GLU A 197 -14.67 -18.74 -12.08
C GLU A 197 -14.05 -18.97 -10.71
N ALA A 198 -13.11 -19.85 -10.49
CA ALA A 198 -12.52 -20.01 -9.16
C ALA A 198 -11.73 -18.76 -8.75
N ALA A 199 -11.40 -17.92 -9.76
CA ALA A 199 -10.65 -16.72 -9.48
C ALA A 199 -11.59 -15.57 -9.23
N ILE A 200 -12.87 -15.84 -9.33
CA ILE A 200 -13.86 -14.80 -9.10
C ILE A 200 -14.57 -15.13 -7.80
N LYS A 201 -14.53 -14.19 -6.84
CA LYS A 201 -15.24 -14.34 -5.58
C LYS A 201 -16.59 -13.60 -5.72
N THR A 202 -17.64 -13.87 -4.96
CA THR A 202 -18.92 -13.19 -4.99
C THR A 202 -19.23 -12.63 -3.58
N ALA A 203 -19.47 -11.34 -3.45
CA ALA A 203 -19.81 -10.72 -2.18
C ALA A 203 -21.22 -11.01 -1.77
N ALA A 204 -21.49 -10.75 -0.52
CA ALA A 204 -22.88 -11.00 -0.02
C ALA A 204 -23.90 -10.18 -0.81
N ASP A 205 -23.45 -9.05 -1.39
CA ASP A 205 -24.45 -8.33 -2.18
C ASP A 205 -24.46 -8.76 -3.65
N GLY A 206 -23.66 -9.78 -4.04
CA GLY A 206 -23.76 -10.22 -5.42
C GLY A 206 -22.66 -9.73 -6.32
N THR A 207 -21.89 -8.77 -5.78
CA THR A 207 -20.83 -8.21 -6.60
C THR A 207 -19.72 -9.21 -6.82
N LYS A 208 -19.30 -9.36 -8.09
CA LYS A 208 -18.19 -10.22 -8.39
C LYS A 208 -16.92 -9.44 -8.02
N LEU A 209 -16.05 -10.08 -7.29
CA LEU A 209 -14.82 -9.54 -6.76
C LEU A 209 -13.57 -10.36 -7.11
N SER A 210 -12.48 -9.62 -7.14
CA SER A 210 -11.17 -10.23 -7.20
C SER A 210 -10.60 -10.28 -5.76
N PHE A 211 -10.94 -9.43 -4.83
CA PHE A 211 -10.40 -9.45 -3.45
C PHE A 211 -11.52 -8.92 -2.59
N GLU A 212 -11.77 -9.61 -1.52
CA GLU A 212 -12.82 -9.34 -0.55
C GLU A 212 -12.48 -8.11 0.31
N TRP A 213 -13.53 -7.77 1.05
CA TRP A 213 -13.40 -6.59 1.90
C TRP A 213 -12.26 -6.76 2.90
N HIS A 214 -11.62 -5.60 3.18
CA HIS A 214 -10.49 -5.55 4.12
C HIS A 214 -10.18 -4.11 4.53
N GLU A 215 -9.40 -4.04 5.60
CA GLU A 215 -8.73 -2.82 6.00
C GLU A 215 -7.24 -3.02 5.65
N ASP A 216 -6.55 -1.99 5.19
CA ASP A 216 -5.14 -2.17 4.90
C ASP A 216 -4.28 -2.31 6.15
N VAL A 217 -3.24 -3.08 6.05
CA VAL A 217 -2.20 -3.19 7.06
C VAL A 217 -1.11 -2.21 6.61
N SER A 218 -1.20 -0.99 7.21
CA SER A 218 -0.36 0.12 6.93
C SER A 218 -0.71 1.29 7.87
N LEU A 219 0.14 2.31 7.82
CA LEU A 219 -0.19 3.57 8.41
C LEU A 219 -1.09 4.32 7.39
N ILE A 220 -0.58 4.50 6.19
CA ILE A 220 -1.35 4.95 5.02
C ILE A 220 -0.89 4.09 3.86
N THR A 221 -1.71 4.09 2.81
CA THR A 221 -1.45 3.35 1.57
C THR A 221 -1.44 4.38 0.42
N VAL A 222 -0.46 4.31 -0.46
CA VAL A 222 -0.20 5.28 -1.54
C VAL A 222 -0.21 4.46 -2.82
N LEU A 223 -1.31 4.51 -3.54
CA LEU A 223 -1.58 3.56 -4.60
C LEU A 223 -1.68 4.17 -5.99
N TYR A 224 -0.95 3.59 -6.93
CA TYR A 224 -1.13 3.88 -8.34
C TYR A 224 -1.97 2.73 -8.89
N GLN A 225 -2.96 2.99 -9.70
CA GLN A 225 -3.68 1.97 -10.46
C GLN A 225 -3.93 2.54 -11.86
N SER A 226 -4.01 1.61 -12.81
CA SER A 226 -4.42 1.85 -14.17
C SER A 226 -5.80 2.43 -14.18
N ASN A 227 -6.16 2.95 -15.31
CA ASN A 227 -7.41 3.60 -15.52
C ASN A 227 -8.55 2.67 -15.89
N VAL A 228 -8.78 1.72 -15.00
CA VAL A 228 -9.86 0.75 -15.06
C VAL A 228 -10.51 0.77 -13.68
N GLN A 229 -11.78 1.17 -13.61
CA GLN A 229 -12.46 1.26 -12.35
C GLN A 229 -12.62 -0.12 -11.77
N ASN A 230 -12.33 -0.18 -10.43
CA ASN A 230 -12.43 -1.50 -9.72
C ASN A 230 -12.65 -1.45 -8.23
N LEU A 231 -12.15 -0.39 -7.55
CA LEU A 231 -12.30 -0.37 -6.13
C LEU A 231 -13.63 0.16 -5.61
N GLN A 232 -14.06 -0.40 -4.49
CA GLN A 232 -15.22 0.09 -3.85
C GLN A 232 -14.87 0.27 -2.38
N VAL A 233 -15.50 1.30 -1.74
CA VAL A 233 -15.37 1.58 -0.36
C VAL A 233 -16.74 1.44 0.33
N GLU A 234 -16.75 0.82 1.52
CA GLU A 234 -17.96 0.74 2.33
C GLU A 234 -18.17 2.07 3.06
N THR A 235 -19.36 2.62 2.94
CA THR A 235 -19.83 3.84 3.59
C THR A 235 -21.14 3.54 4.29
N ALA A 236 -21.71 4.45 5.10
CA ALA A 236 -23.02 4.06 5.72
C ALA A 236 -24.16 3.78 4.71
N ALA A 237 -23.96 4.40 3.57
CA ALA A 237 -24.67 4.37 2.33
C ALA A 237 -24.35 3.12 1.54
N GLY A 238 -23.57 2.20 2.01
CA GLY A 238 -23.30 0.94 1.21
C GLY A 238 -21.97 1.04 0.49
N TYR A 239 -21.65 0.04 -0.31
CA TYR A 239 -20.43 0.12 -1.04
C TYR A 239 -20.61 1.11 -2.15
N GLN A 240 -19.62 1.98 -2.33
CA GLN A 240 -19.57 3.03 -3.34
C GLN A 240 -18.34 2.84 -4.24
N ASP A 241 -18.49 3.12 -5.54
CA ASP A 241 -17.36 2.98 -6.46
C ASP A 241 -16.41 4.16 -6.37
N ILE A 242 -15.13 3.81 -6.29
CA ILE A 242 -14.03 4.75 -6.34
C ILE A 242 -13.65 4.91 -7.81
N GLU A 243 -13.75 6.09 -8.37
CA GLU A 243 -13.35 6.34 -9.75
C GLU A 243 -11.86 6.15 -9.91
N ALA A 244 -11.48 5.66 -11.07
CA ALA A 244 -10.06 5.49 -11.36
C ALA A 244 -9.53 6.87 -11.76
N ASP A 245 -8.23 7.01 -11.53
CA ASP A 245 -7.52 8.20 -11.99
C ASP A 245 -6.05 7.78 -12.06
N ASP A 246 -5.63 7.43 -13.24
CA ASP A 246 -4.24 6.94 -13.52
C ASP A 246 -3.24 8.12 -13.59
N THR A 247 -3.62 9.33 -13.22
CA THR A 247 -2.66 10.36 -13.08
C THR A 247 -2.38 10.68 -11.62
N GLY A 248 -3.16 10.26 -10.67
CA GLY A 248 -3.05 10.52 -9.27
C GLY A 248 -2.66 9.31 -8.48
N TYR A 249 -2.38 9.56 -7.21
CA TYR A 249 -2.21 8.49 -6.25
C TYR A 249 -3.45 8.39 -5.35
N LEU A 250 -4.03 7.21 -5.22
CA LEU A 250 -5.17 7.02 -4.31
C LEU A 250 -4.59 6.79 -2.92
N ILE A 251 -5.03 7.60 -1.96
CA ILE A 251 -4.53 7.56 -0.59
C ILE A 251 -5.64 7.14 0.38
N ASN A 252 -5.30 6.27 1.33
CA ASN A 252 -6.21 5.95 2.40
C ASN A 252 -5.40 5.55 3.60
N CYS A 253 -6.05 5.62 4.76
CA CYS A 253 -5.45 5.16 5.99
C CYS A 253 -5.56 3.64 6.18
N GLY A 254 -4.55 3.11 6.88
CA GLY A 254 -4.54 1.72 7.30
C GLY A 254 -4.88 1.62 8.79
N SER A 255 -4.97 0.38 9.26
CA SER A 255 -5.49 0.20 10.62
C SER A 255 -4.50 0.70 11.65
N TYR A 256 -3.24 0.94 11.38
CA TYR A 256 -2.36 1.55 12.44
C TYR A 256 -2.80 2.99 12.68
N MET A 257 -3.20 3.73 11.63
CA MET A 257 -3.72 5.09 11.76
C MET A 257 -5.02 5.07 12.60
N ALA A 258 -5.84 4.09 12.30
CA ALA A 258 -7.09 3.98 13.03
C ALA A 258 -6.76 3.73 14.53
N HIS A 259 -5.79 2.89 14.81
CA HIS A 259 -5.48 2.66 16.21
C HIS A 259 -4.97 3.92 16.91
N LEU A 260 -4.02 4.59 16.21
CA LEU A 260 -3.38 5.75 16.78
C LEU A 260 -4.31 6.91 17.10
N THR A 261 -5.34 7.01 16.27
CA THR A 261 -6.32 8.13 16.33
C THR A 261 -7.65 7.73 17.01
N ASN A 262 -7.64 6.50 17.58
CA ASN A 262 -8.90 6.02 18.22
C ASN A 262 -10.07 6.10 17.25
N ASN A 263 -9.77 5.70 15.99
CA ASN A 263 -10.80 5.59 14.91
C ASN A 263 -11.31 6.95 14.48
N TYR A 264 -10.64 8.02 14.83
CA TYR A 264 -11.10 9.32 14.34
C TYR A 264 -10.83 9.29 12.87
N TYR A 265 -9.66 8.79 12.44
CA TYR A 265 -9.36 8.50 11.03
C TYR A 265 -9.49 7.01 10.91
N LYS A 266 -10.64 6.51 10.45
CA LYS A 266 -10.83 5.10 10.27
C LYS A 266 -10.00 4.55 9.15
N ALA A 267 -9.70 3.27 9.19
CA ALA A 267 -9.11 2.56 8.12
C ALA A 267 -10.31 2.12 7.26
N PRO A 268 -10.54 2.73 6.09
CA PRO A 268 -11.76 2.37 5.38
C PRO A 268 -11.80 0.90 4.91
N ILE A 269 -13.03 0.33 4.97
CA ILE A 269 -13.21 -1.02 4.46
C ILE A 269 -13.43 -0.88 2.95
N HIS A 270 -12.66 -1.64 2.17
CA HIS A 270 -12.71 -1.58 0.74
C HIS A 270 -12.47 -2.96 0.13
N ARG A 271 -12.83 -3.07 -1.15
CA ARG A 271 -12.76 -4.33 -1.89
C ARG A 271 -12.48 -4.04 -3.35
N VAL A 272 -12.08 -5.13 -4.02
CA VAL A 272 -11.68 -5.04 -5.42
C VAL A 272 -12.69 -5.77 -6.30
N LYS A 273 -13.41 -5.11 -7.14
CA LYS A 273 -14.34 -5.76 -8.06
C LYS A 273 -13.54 -6.49 -9.09
N TRP A 274 -14.20 -7.61 -9.53
CA TRP A 274 -13.71 -8.35 -10.64
C TRP A 274 -13.95 -7.59 -11.96
N VAL A 275 -12.92 -7.38 -12.72
CA VAL A 275 -13.00 -6.73 -14.04
C VAL A 275 -12.17 -7.57 -14.97
N ASN A 276 -12.59 -8.01 -16.12
CA ASN A 276 -11.76 -8.83 -17.02
C ASN A 276 -10.98 -7.85 -17.93
N ALA A 277 -9.91 -7.34 -17.40
CA ALA A 277 -9.07 -6.35 -18.04
C ALA A 277 -7.65 -6.46 -17.57
N GLU A 278 -6.72 -6.28 -18.46
CA GLU A 278 -5.30 -6.29 -18.13
C GLU A 278 -5.02 -4.92 -17.47
N ARG A 279 -4.60 -4.97 -16.22
CA ARG A 279 -4.37 -3.73 -15.48
C ARG A 279 -3.37 -3.95 -14.40
N GLN A 280 -3.00 -2.93 -13.72
CA GLN A 280 -1.96 -2.78 -12.76
C GLN A 280 -2.48 -2.15 -11.49
N SER A 281 -2.04 -2.69 -10.39
CA SER A 281 -2.29 -2.13 -9.04
C SER A 281 -0.96 -2.07 -8.31
N LEU A 282 -0.48 -0.87 -8.00
CA LEU A 282 0.88 -0.69 -7.52
C LEU A 282 0.86 0.07 -6.20
N PRO A 283 0.50 -0.65 -5.13
CA PRO A 283 0.51 0.01 -3.83
C PRO A 283 1.90 0.15 -3.23
N PHE A 284 2.04 1.22 -2.47
CA PHE A 284 3.13 1.45 -1.51
C PHE A 284 2.47 1.50 -0.14
N PHE A 285 2.83 0.51 0.69
CA PHE A 285 2.31 0.47 2.05
C PHE A 285 3.25 1.20 2.95
N VAL A 286 2.80 2.33 3.49
CA VAL A 286 3.64 3.17 4.36
C VAL A 286 3.64 2.54 5.74
N ASN A 287 4.76 1.91 6.06
CA ASN A 287 5.02 1.27 7.34
C ASN A 287 6.15 2.00 8.05
N LEU A 288 6.13 2.02 9.36
CA LEU A 288 7.16 2.71 10.16
C LEU A 288 8.29 1.72 10.41
N GLY A 289 9.12 1.97 11.37
CA GLY A 289 10.22 1.07 11.76
C GLY A 289 9.70 0.03 12.74
N TYR A 290 10.50 -0.99 12.88
CA TYR A 290 10.08 -2.12 13.70
C TYR A 290 9.75 -1.74 15.14
N ASP A 291 10.51 -0.84 15.72
CA ASP A 291 10.33 -0.43 17.09
C ASP A 291 9.60 0.89 17.27
N SER A 292 9.11 1.42 16.15
CA SER A 292 8.39 2.67 16.26
C SER A 292 7.12 2.49 17.05
N VAL A 293 6.87 3.35 18.00
CA VAL A 293 5.66 3.34 18.77
C VAL A 293 5.21 4.81 18.87
N ILE A 294 4.01 5.00 18.44
CA ILE A 294 3.41 6.31 18.69
C ILE A 294 2.31 6.11 19.72
N ASP A 295 2.24 6.94 20.74
CA ASP A 295 1.25 6.86 21.77
C ASP A 295 -0.15 7.14 21.18
N PRO A 296 -1.07 6.22 21.36
CA PRO A 296 -2.39 6.55 20.84
C PRO A 296 -3.00 7.80 21.49
N PHE A 297 -3.83 8.49 20.69
CA PHE A 297 -4.51 9.71 21.15
C PHE A 297 -5.93 9.77 20.59
N ASP A 298 -6.67 10.81 20.93
CA ASP A 298 -8.02 10.93 20.39
C ASP A 298 -8.29 12.42 20.17
N PRO A 299 -8.22 12.93 18.92
CA PRO A 299 -8.48 14.34 18.62
C PRO A 299 -9.94 14.82 18.80
N ARG A 300 -10.79 13.90 19.31
CA ARG A 300 -12.16 14.31 19.63
C ARG A 300 -12.33 14.59 21.09
N GLU A 301 -11.33 14.21 21.86
CA GLU A 301 -11.45 14.46 23.31
C GLU A 301 -10.66 15.67 23.76
N PRO A 302 -11.16 16.58 24.57
CA PRO A 302 -10.44 17.77 25.00
C PRO A 302 -9.04 17.47 25.50
N ASN A 303 -8.89 16.38 26.27
CA ASN A 303 -7.50 16.19 26.73
C ASN A 303 -6.69 15.34 25.74
N GLY A 304 -7.24 14.92 24.62
CA GLY A 304 -6.66 14.06 23.56
C GLY A 304 -6.35 12.68 24.06
N LYS A 305 -6.83 12.25 25.23
CA LYS A 305 -6.43 10.92 25.72
C LYS A 305 -7.24 9.81 25.11
N SER A 306 -6.62 8.64 24.96
CA SER A 306 -7.32 7.49 24.40
C SER A 306 -7.14 6.34 25.34
N ASP A 307 -8.08 5.41 25.36
CA ASP A 307 -7.94 4.24 26.22
C ASP A 307 -7.37 3.03 25.44
N ARG A 308 -6.52 3.27 24.49
CA ARG A 308 -5.88 2.24 23.71
C ARG A 308 -4.44 2.03 24.18
N GLU A 309 -3.93 0.83 24.07
CA GLU A 309 -2.56 0.60 24.52
C GLU A 309 -1.60 0.85 23.38
N PRO A 310 -0.42 1.38 23.65
CA PRO A 310 0.58 1.61 22.64
C PRO A 310 0.94 0.27 21.99
N LEU A 311 1.23 0.28 20.71
CA LEU A 311 1.51 -0.92 19.95
C LEU A 311 2.69 -0.63 19.05
N SER A 312 3.72 -1.43 19.13
CA SER A 312 4.87 -1.18 18.26
C SER A 312 4.53 -1.56 16.81
N TYR A 313 5.21 -0.82 15.91
CA TYR A 313 4.87 -1.06 14.48
C TYR A 313 5.18 -2.50 14.09
N GLY A 314 6.29 -3.05 14.55
CA GLY A 314 6.63 -4.40 14.15
C GLY A 314 5.66 -5.46 14.64
N ASP A 315 5.15 -5.22 15.86
CA ASP A 315 4.16 -6.12 16.38
C ASP A 315 2.90 -6.01 15.50
N TYR A 316 2.47 -4.75 15.24
CA TYR A 316 1.32 -4.51 14.38
C TYR A 316 1.43 -5.25 13.03
N LEU A 317 2.60 -4.99 12.44
CA LEU A 317 2.79 -5.46 11.10
C LEU A 317 2.85 -6.99 10.97
N GLN A 318 3.65 -7.61 11.84
CA GLN A 318 3.77 -9.06 11.78
C GLN A 318 2.40 -9.71 11.94
N ASN A 319 1.64 -9.21 12.91
CA ASN A 319 0.32 -9.78 13.18
C ASN A 319 -0.63 -9.49 12.03
N GLY A 320 -0.59 -8.30 11.47
CA GLY A 320 -1.50 -7.97 10.47
C GLY A 320 -1.33 -8.69 9.17
N LEU A 321 -0.07 -8.86 8.86
CA LEU A 321 0.14 -9.53 7.53
C LEU A 321 -0.41 -10.94 7.57
N VAL A 322 -0.18 -11.65 8.65
CA VAL A 322 -0.76 -12.98 8.62
C VAL A 322 -2.24 -13.07 8.67
N SER A 323 -2.80 -12.14 9.43
CA SER A 323 -4.23 -12.10 9.56
C SER A 323 -4.95 -11.89 8.23
N LEU A 324 -4.41 -10.97 7.45
CA LEU A 324 -5.01 -10.65 6.13
C LEU A 324 -4.87 -11.86 5.24
N ILE A 325 -3.76 -12.64 5.28
CA ILE A 325 -3.78 -13.85 4.47
C ILE A 325 -4.82 -14.88 4.89
N ASN A 326 -4.91 -14.95 6.24
CA ASN A 326 -5.88 -15.92 6.72
C ASN A 326 -7.27 -15.46 6.35
N LYS A 327 -7.59 -14.18 6.36
CA LYS A 327 -8.96 -13.79 6.04
C LYS A 327 -9.29 -13.84 4.55
N ASN A 328 -8.40 -13.27 3.72
CA ASN A 328 -8.75 -13.15 2.29
C ASN A 328 -7.88 -14.01 1.40
N GLY A 329 -7.07 -14.88 2.01
CA GLY A 329 -6.26 -15.78 1.16
C GLY A 329 -4.89 -15.28 0.76
N GLN A 330 -4.05 -16.26 0.42
CA GLN A 330 -2.69 -16.03 -0.04
C GLN A 330 -2.66 -15.36 -1.40
N THR A 331 -2.10 -14.14 -1.48
CA THR A 331 -2.14 -13.48 -2.80
C THR A 331 -0.98 -13.98 -3.66
S SO4 B . 15.72 5.04 -13.09
O1 SO4 B . 16.08 3.70 -12.72
O2 SO4 B . 16.50 5.94 -12.20
O3 SO4 B . 16.11 5.32 -14.45
O4 SO4 B . 14.34 5.46 -12.69
C1 IP1 C . 4.06 -6.73 2.27
C2 IP1 C . 2.96 -6.98 1.26
C3 IP1 C . 1.60 -6.63 1.77
C4 IP1 C . 0.48 -7.20 0.86
C7 IP1 C . -0.87 -6.78 1.40
C10 IP1 C . -2.01 -7.15 0.50
N11 IP1 C . -2.95 -6.24 0.18
C12 IP1 C . -4.00 -6.58 -0.75
C13 IP1 C . -3.37 -6.50 -2.18
N14 IP1 C . 3.02 -8.33 0.60
O15 IP1 C . -2.05 -8.29 0.02
C16 IP1 C . -4.94 -5.50 -1.29
S17 IP1 C . -4.44 -3.77 -1.17
O18 IP1 C . -2.39 -6.80 -2.81
O19 IP1 C . 4.22 -5.57 2.68
O20 IP1 C . 4.74 -7.69 2.62
N29 IP1 C . -4.48 -5.81 -2.63
C30 IP1 C . -4.35 -4.78 -3.66
C31 IP1 C . -5.11 -5.10 -4.98
C32 IP1 C . -4.91 -3.53 -2.96
C33 IP1 C . -4.13 -2.34 -3.47
C37 IP1 C . -6.41 -3.46 -3.20
O42 IP1 C . -5.14 -4.18 -5.85
O43 IP1 C . -5.59 -6.22 -5.04
C1 ACV D . 3.85 -6.73 2.70
C2 ACV D . 2.87 -7.13 1.61
C3 ACV D . 1.47 -6.93 2.15
C4 ACV D . 0.39 -6.76 1.09
C7 ACV D . -0.94 -6.91 1.75
C10 ACV D . -2.10 -7.25 0.85
N11 ACV D . -2.81 -6.21 0.38
C12 ACV D . -4.03 -6.22 -0.42
C13 ACV D . -3.83 -5.39 -1.68
N14 ACV D . 3.10 -8.52 1.09
O15 ACV D . -2.45 -8.39 0.56
C16 ACV D . -5.02 -5.43 0.43
S17 ACV D . -4.64 -3.65 0.60
O18 ACV D . -2.80 -4.94 -2.11
O19 ACV D . 4.50 -7.64 3.24
O20 ACV D . 3.92 -5.52 2.98
N29 ACV D . -4.96 -5.22 -2.38
C30 ACV D . -5.16 -4.33 -3.49
C31 ACV D . -5.74 -4.88 -4.69
C32 ACV D . -5.55 -2.91 -3.02
C33 ACV D . -4.20 -2.23 -2.59
C37 ACV D . -6.73 -2.88 -2.05
O42 ACV D . -6.14 -6.05 -4.84
O43 ACV D . -5.80 -3.98 -5.69
FE FE2 E . -6.49 -2.47 0.38
#